data_1KT0
#
_entry.id   1KT0
#
_cell.length_a   87.583
_cell.length_b   87.583
_cell.length_c   132.033
_cell.angle_alpha   90.00
_cell.angle_beta   90.00
_cell.angle_gamma   120.00
#
_symmetry.space_group_name_H-M   'P 32 2 1'
#
loop_
_entity.id
_entity.type
_entity.pdbx_description
1 polymer '51 KDA FK506-BINDING PROTEIN'
2 non-polymer 'SULFATE ION'
3 water water
#
_entity_poly.entity_id   1
_entity_poly.type   'polypeptide(L)'
_entity_poly.pdbx_seq_one_letter_code
;MTTDEGAKNNEESPTATVAEQGEDITSKKDRGVLKIVKRVGNGEETPMIGDKVYVHYKGKLSNGKKFDSSHDRNEPFVFS
LGKGQVIKAWDIGVATMKRGEICHLLCKPEYAYGSAGSLPKIPSNATLFFEIELLDFKGEDLFEDGGIIRRTKRKGEGYS
NPNEGATVEIHLEGRCGGRMFDCRDVAFTVGEGEDHDIPIGIDKALEKMQREEQCILYLGPRYGFGEAGKPKFGIEPNAE
LIYEVTLKSFEKAKESWEMDTKEKLEQAAIVKEKGTVYFKGGKYMQAVIQYGKIVSWLEMEYGLSEKESKASESFLLAAF
LNLAMCYLKLREYTKAVECCDKALGLDSANEKGLYRRGEAQLLMNEFESAKGDFEKVLEVNPQNKAARLQISMCQKKAKE
HNERDRRIYANMFKKFAEQDAKEEANKAMGKKTSEGVTNEKGTDSQAMEEEKPEGHV
;
_entity_poly.pdbx_strand_id   A
#
loop_
_chem_comp.id
_chem_comp.type
_chem_comp.name
_chem_comp.formula
SO4 non-polymer 'SULFATE ION' 'O4 S -2'
#
# COMPACT_ATOMS: atom_id res chain seq x y z
N VAL A 33 34.15 16.57 9.94
CA VAL A 33 33.81 16.80 8.50
C VAL A 33 33.87 18.27 8.07
N LEU A 34 34.96 18.65 7.42
CA LEU A 34 35.12 20.03 6.95
C LEU A 34 34.66 20.10 5.51
N LYS A 35 33.85 21.11 5.19
CA LYS A 35 33.31 21.26 3.84
C LYS A 35 33.80 22.49 3.08
N ILE A 36 33.64 22.47 1.77
CA ILE A 36 34.04 23.58 0.89
C ILE A 36 33.35 23.38 -0.47
N VAL A 37 32.67 24.43 -0.98
CA VAL A 37 32.00 24.33 -2.28
C VAL A 37 32.95 24.67 -3.44
N THR A 46 17.79 20.11 -1.20
CA THR A 46 18.62 19.33 -0.27
C THR A 46 18.09 17.93 0.03
N PRO A 47 18.90 16.89 -0.24
CA PRO A 47 18.52 15.50 0.00
C PRO A 47 18.06 15.27 1.44
N MET A 48 17.10 14.37 1.63
CA MET A 48 16.59 14.07 2.96
C MET A 48 16.83 12.62 3.35
N ILE A 49 16.76 12.34 4.64
CA ILE A 49 16.96 10.96 5.11
C ILE A 49 16.08 10.04 4.31
N GLY A 50 16.68 8.98 3.78
CA GLY A 50 15.94 8.01 3.00
C GLY A 50 15.80 8.33 1.52
N ASP A 51 16.26 9.48 1.06
CA ASP A 51 16.14 9.84 -0.34
C ASP A 51 17.11 9.01 -1.16
N LYS A 52 16.80 8.84 -2.44
CA LYS A 52 17.69 8.11 -3.32
C LYS A 52 18.60 9.20 -3.91
N VAL A 53 19.89 9.04 -3.71
CA VAL A 53 20.87 10.00 -4.18
C VAL A 53 21.75 9.47 -5.30
N TYR A 54 22.12 10.36 -6.21
CA TYR A 54 22.95 10.01 -7.36
C TYR A 54 24.14 10.94 -7.34
N VAL A 55 25.34 10.39 -7.32
CA VAL A 55 26.53 11.23 -7.29
C VAL A 55 27.72 10.66 -8.04
N HIS A 56 28.74 11.51 -8.21
CA HIS A 56 29.99 11.14 -8.84
C HIS A 56 31.01 11.62 -7.83
N TYR A 57 32.06 10.84 -7.60
CA TYR A 57 33.05 11.23 -6.61
C TYR A 57 34.43 10.65 -6.86
N LYS A 58 35.40 11.22 -6.15
CA LYS A 58 36.79 10.80 -6.18
C LYS A 58 37.22 10.92 -4.72
N GLY A 59 37.91 9.91 -4.21
CA GLY A 59 38.33 9.94 -2.82
C GLY A 59 39.80 9.60 -2.67
N LYS A 60 40.58 10.58 -2.21
CA LYS A 60 42.00 10.40 -2.05
C LYS A 60 42.39 10.47 -0.60
N LEU A 61 43.59 9.96 -0.32
CA LEU A 61 44.14 9.93 1.04
C LEU A 61 44.94 11.22 1.31
N PHE A 67 41.52 6.53 -4.05
CA PHE A 67 41.34 5.09 -3.93
C PHE A 67 40.04 4.65 -4.59
N ASP A 68 39.13 5.58 -4.81
CA ASP A 68 37.86 5.24 -5.45
C ASP A 68 37.34 6.40 -6.31
N SER A 69 36.83 6.09 -7.51
CA SER A 69 36.30 7.14 -8.38
C SER A 69 34.78 7.09 -8.48
N PRO A 76 27.34 6.34 -12.22
CA PRO A 76 26.72 7.10 -11.13
C PRO A 76 26.49 6.21 -9.93
N PHE A 77 27.06 6.59 -8.79
CA PHE A 77 26.91 5.82 -7.56
C PHE A 77 25.59 6.20 -6.87
N VAL A 78 24.67 5.24 -6.73
CA VAL A 78 23.39 5.53 -6.07
C VAL A 78 23.07 4.75 -4.79
N PHE A 79 22.85 5.48 -3.71
CA PHE A 79 22.58 4.88 -2.42
C PHE A 79 21.53 5.69 -1.68
N SER A 80 21.16 5.23 -0.49
CA SER A 80 20.16 5.91 0.30
C SER A 80 20.79 6.70 1.43
N LEU A 81 20.38 7.97 1.56
CA LEU A 81 20.90 8.88 2.59
C LEU A 81 20.25 8.68 3.94
N GLY A 82 21.05 8.72 5.00
CA GLY A 82 20.47 8.55 6.33
C GLY A 82 20.59 7.13 6.84
N LYS A 83 20.82 6.19 5.94
CA LYS A 83 20.98 4.80 6.34
C LYS A 83 22.48 4.57 6.35
N GLY A 84 22.97 3.68 7.20
CA GLY A 84 24.40 3.48 7.27
C GLY A 84 25.08 2.95 6.02
N GLN A 85 24.44 3.13 4.87
CA GLN A 85 24.99 2.67 3.60
C GLN A 85 26.33 3.31 3.22
N VAL A 86 26.60 4.50 3.70
CA VAL A 86 27.90 5.11 3.43
C VAL A 86 28.45 5.61 4.75
N ILE A 87 29.67 6.14 4.72
CA ILE A 87 30.33 6.64 5.92
C ILE A 87 29.60 7.89 6.46
N LYS A 88 29.78 8.14 7.76
CA LYS A 88 29.15 9.29 8.42
C LYS A 88 29.41 10.62 7.72
N ALA A 89 30.64 10.83 7.27
CA ALA A 89 30.96 12.09 6.61
C ALA A 89 29.98 12.37 5.49
N TRP A 90 29.78 11.37 4.62
CA TRP A 90 28.87 11.49 3.49
C TRP A 90 27.44 11.77 3.93
N ASP A 91 26.87 10.90 4.77
CA ASP A 91 25.49 11.12 5.24
C ASP A 91 25.33 12.52 5.80
N ILE A 92 26.37 13.01 6.46
CA ILE A 92 26.38 14.34 7.04
C ILE A 92 26.61 15.38 5.95
N GLY A 93 27.54 15.08 5.06
CA GLY A 93 27.85 15.99 3.99
C GLY A 93 26.73 16.09 2.96
N VAL A 94 26.57 15.06 2.15
CA VAL A 94 25.55 15.06 1.10
C VAL A 94 24.26 15.76 1.55
N ALA A 95 23.90 15.56 2.82
CA ALA A 95 22.69 16.14 3.37
C ALA A 95 22.68 17.67 3.27
N THR A 96 23.82 18.26 2.91
CA THR A 96 23.92 19.72 2.83
C THR A 96 24.15 20.24 1.42
N MET A 97 24.05 19.37 0.44
CA MET A 97 24.26 19.83 -0.91
C MET A 97 22.93 20.13 -1.60
N LYS A 98 22.98 21.08 -2.53
CA LYS A 98 21.82 21.44 -3.33
C LYS A 98 22.10 20.66 -4.59
N ARG A 99 21.08 20.28 -5.35
CA ARG A 99 21.30 19.49 -6.56
C ARG A 99 22.27 20.10 -7.56
N GLY A 100 23.11 19.27 -8.16
CA GLY A 100 24.06 19.75 -9.15
C GLY A 100 25.31 20.44 -8.59
N GLU A 101 25.37 20.61 -7.28
CA GLU A 101 26.52 21.23 -6.62
C GLU A 101 27.66 20.24 -6.49
N ILE A 102 28.86 20.76 -6.20
CA ILE A 102 30.07 19.95 -5.99
C ILE A 102 30.80 20.52 -4.79
N CYS A 103 31.29 19.66 -3.91
CA CYS A 103 32.00 20.14 -2.73
C CYS A 103 33.25 19.32 -2.47
N HIS A 104 33.93 19.65 -1.37
CA HIS A 104 35.10 18.95 -0.94
C HIS A 104 34.83 18.69 0.53
N LEU A 105 35.34 17.59 1.03
CA LEU A 105 35.16 17.23 2.43
C LEU A 105 36.42 16.60 3.02
N LEU A 106 36.89 17.13 4.14
CA LEU A 106 38.05 16.56 4.82
C LEU A 106 37.37 15.78 5.93
N CYS A 107 37.46 14.46 5.84
CA CYS A 107 36.82 13.61 6.82
C CYS A 107 37.80 12.92 7.73
N LYS A 108 37.52 12.99 9.01
CA LYS A 108 38.37 12.35 9.99
C LYS A 108 37.94 10.88 10.09
N PRO A 109 38.82 10.02 10.59
CA PRO A 109 38.55 8.59 10.75
C PRO A 109 37.28 8.38 11.52
N GLU A 110 37.07 9.25 12.49
CA GLU A 110 35.90 9.22 13.36
C GLU A 110 34.63 9.30 12.53
N TYR A 111 34.74 9.85 11.33
CA TYR A 111 33.60 9.95 10.44
C TYR A 111 33.78 9.14 9.18
N ALA A 112 34.77 8.24 9.18
CA ALA A 112 34.99 7.40 8.02
C ALA A 112 35.16 5.96 8.46
N TYR A 113 36.25 5.30 8.07
CA TYR A 113 36.44 3.91 8.45
C TYR A 113 37.24 3.74 9.73
N GLY A 114 37.20 4.77 10.56
CA GLY A 114 37.88 4.75 11.84
C GLY A 114 39.25 4.11 11.91
N SER A 115 39.52 3.44 13.02
CA SER A 115 40.80 2.82 13.29
C SER A 115 40.99 1.47 12.62
N ALA A 116 39.91 0.90 12.11
CA ALA A 116 40.05 -0.39 11.46
C ALA A 116 40.42 -0.12 10.01
N GLY A 117 39.97 1.02 9.48
CA GLY A 117 40.23 1.37 8.09
C GLY A 117 39.62 0.33 7.18
N SER A 118 40.02 0.33 5.91
CA SER A 118 39.52 -0.69 4.98
C SER A 118 40.70 -1.19 4.16
N LEU A 119 41.46 -2.08 4.75
CA LEU A 119 42.64 -2.63 4.09
C LEU A 119 42.27 -3.51 2.89
N PRO A 120 43.09 -3.47 1.82
CA PRO A 120 44.32 -2.70 1.63
C PRO A 120 44.18 -1.19 1.52
N LYS A 121 43.25 -0.78 0.66
CA LYS A 121 43.01 0.62 0.34
C LYS A 121 43.12 1.70 1.42
N ILE A 122 42.16 1.73 2.34
CA ILE A 122 42.17 2.76 3.36
C ILE A 122 42.84 2.37 4.66
N PRO A 123 43.97 3.02 4.97
CA PRO A 123 44.73 2.77 6.19
C PRO A 123 43.92 2.97 7.46
N SER A 124 44.52 2.54 8.57
CA SER A 124 43.95 2.58 9.92
C SER A 124 43.47 3.87 10.55
N ASN A 125 44.23 4.96 10.44
CA ASN A 125 43.83 6.21 11.07
C ASN A 125 43.51 7.25 9.99
N ALA A 126 43.29 6.75 8.78
CA ALA A 126 43.01 7.59 7.63
C ALA A 126 42.02 8.74 7.78
N THR A 127 42.47 9.89 7.31
CA THR A 127 41.67 11.09 7.29
C THR A 127 41.48 11.16 5.79
N LEU A 128 40.24 11.03 5.34
CA LEU A 128 39.98 11.03 3.91
C LEU A 128 39.51 12.34 3.33
N PHE A 129 39.82 12.55 2.05
CA PHE A 129 39.40 13.75 1.36
C PHE A 129 38.43 13.33 0.24
N PHE A 130 37.39 14.12 0.03
CA PHE A 130 36.43 13.76 -1.00
C PHE A 130 35.96 14.91 -1.90
N GLU A 131 35.84 14.63 -3.19
CA GLU A 131 35.28 15.59 -4.13
C GLU A 131 33.96 14.87 -4.48
N ILE A 132 32.82 15.49 -4.15
CA ILE A 132 31.52 14.88 -4.41
C ILE A 132 30.58 15.70 -5.28
N GLU A 133 29.96 15.02 -6.26
CA GLU A 133 29.02 15.68 -7.15
C GLU A 133 27.59 15.10 -7.06
N LEU A 134 26.68 15.88 -6.46
CA LEU A 134 25.28 15.46 -6.32
C LEU A 134 24.52 15.69 -7.61
N LEU A 135 24.32 14.61 -8.36
CA LEU A 135 23.63 14.69 -9.63
C LEU A 135 22.14 14.89 -9.49
N ASP A 136 21.53 14.21 -8.55
CA ASP A 136 20.10 14.32 -8.41
C ASP A 136 19.67 13.47 -7.23
N PHE A 137 18.40 13.57 -6.86
CA PHE A 137 17.91 12.78 -5.75
C PHE A 137 16.41 12.82 -5.64
N LYS A 138 15.83 11.72 -5.18
CA LYS A 138 14.39 11.65 -5.08
C LYS A 138 13.93 10.94 -3.83
N GLY A 139 12.66 11.12 -3.50
CA GLY A 139 12.10 10.50 -2.33
C GLY A 139 11.98 8.99 -2.51
N GLU A 140 11.76 8.32 -1.39
CA GLU A 140 11.61 6.87 -1.38
C GLU A 140 10.17 6.50 -1.73
N ASP A 141 10.00 5.68 -2.77
CA ASP A 141 8.69 5.21 -3.28
C ASP A 141 8.21 4.00 -2.45
N LEU A 142 7.42 4.26 -1.42
CA LEU A 142 6.92 3.19 -0.52
C LEU A 142 6.34 1.92 -1.14
N PHE A 143 5.75 2.03 -2.32
CA PHE A 143 5.16 0.87 -2.96
C PHE A 143 5.57 0.73 -4.43
N GLU A 144 6.83 0.99 -4.70
CA GLU A 144 7.36 0.91 -6.05
C GLU A 144 6.30 1.20 -7.12
N ASP A 145 5.54 2.28 -6.94
CA ASP A 145 4.53 2.66 -7.95
C ASP A 145 4.35 4.17 -8.05
N GLY A 146 5.15 4.95 -7.32
CA GLY A 146 5.01 6.39 -7.38
C GLY A 146 3.75 6.94 -6.70
N GLY A 147 2.93 6.05 -6.13
CA GLY A 147 1.71 6.47 -5.48
C GLY A 147 1.90 7.22 -4.18
N ILE A 148 2.88 6.77 -3.41
CA ILE A 148 3.21 7.38 -2.13
C ILE A 148 4.73 7.59 -2.01
N ILE A 149 5.17 8.84 -2.19
CA ILE A 149 6.59 9.16 -2.04
C ILE A 149 6.81 9.70 -0.62
N ARG A 150 7.69 9.06 0.14
CA ARG A 150 7.98 9.54 1.49
C ARG A 150 9.36 10.16 1.55
N ARG A 151 9.50 11.13 2.45
CA ARG A 151 10.75 11.81 2.70
C ARG A 151 10.81 12.07 4.20
N THR A 152 11.72 11.37 4.85
CA THR A 152 11.92 11.42 6.29
C THR A 152 12.53 12.67 6.87
N LYS A 153 11.84 13.26 7.82
CA LYS A 153 12.32 14.47 8.49
C LYS A 153 13.05 14.09 9.79
N ARG A 154 12.55 13.07 10.47
CA ARG A 154 13.15 12.63 11.72
C ARG A 154 12.99 11.14 11.95
N LYS A 155 14.09 10.40 12.01
CA LYS A 155 14.03 8.98 12.25
C LYS A 155 13.22 8.73 13.50
N GLY A 156 12.63 7.54 13.59
CA GLY A 156 11.86 7.20 14.76
C GLY A 156 12.57 6.09 15.47
N GLU A 157 11.92 5.48 16.45
CA GLU A 157 12.56 4.40 17.20
C GLU A 157 11.61 3.23 17.30
N GLY A 158 12.16 2.02 17.40
CA GLY A 158 11.30 0.89 17.54
C GLY A 158 11.49 -0.31 16.66
N TYR A 159 11.23 -1.42 17.28
CA TYR A 159 11.33 -2.73 16.71
C TYR A 159 10.10 -2.96 15.82
N SER A 160 9.04 -2.19 16.04
CA SER A 160 7.83 -2.39 15.27
C SER A 160 7.16 -1.22 14.54
N ASN A 161 6.09 -1.56 13.82
CA ASN A 161 5.29 -0.62 13.04
C ASN A 161 3.81 -0.91 13.20
N PRO A 162 2.98 0.11 13.04
CA PRO A 162 1.54 -0.09 13.15
C PRO A 162 1.12 -1.14 12.10
N ASN A 163 0.15 -1.99 12.41
CA ASN A 163 -0.35 -2.95 11.42
C ASN A 163 -1.75 -2.52 11.10
N GLU A 164 -2.39 -3.19 10.15
CA GLU A 164 -3.77 -2.83 9.85
C GLU A 164 -4.51 -3.12 11.15
N GLY A 165 -5.48 -2.28 11.51
CA GLY A 165 -6.20 -2.52 12.75
C GLY A 165 -5.55 -1.84 13.94
N ALA A 166 -4.32 -1.38 13.79
CA ALA A 166 -3.67 -0.70 14.90
C ALA A 166 -4.29 0.65 15.17
N THR A 167 -4.28 1.05 16.44
CA THR A 167 -4.76 2.36 16.79
C THR A 167 -3.49 3.20 16.85
N VAL A 168 -3.52 4.38 16.25
CA VAL A 168 -2.36 5.26 16.26
C VAL A 168 -2.81 6.65 16.66
N GLU A 169 -1.85 7.44 17.10
CA GLU A 169 -2.10 8.83 17.47
C GLU A 169 -1.01 9.60 16.71
N ILE A 170 -1.45 10.44 15.77
CA ILE A 170 -0.52 11.20 14.95
C ILE A 170 -0.81 12.67 14.90
N HIS A 171 0.15 13.42 14.38
CA HIS A 171 -0.07 14.83 14.15
C HIS A 171 -0.17 14.81 12.65
N LEU A 172 -1.17 15.48 12.11
CA LEU A 172 -1.39 15.47 10.68
C LEU A 172 -1.53 16.85 10.06
N GLU A 173 -0.68 17.15 9.08
CA GLU A 173 -0.77 18.41 8.36
C GLU A 173 -0.89 18.08 6.88
N GLY A 174 -1.99 18.47 6.26
CA GLY A 174 -2.18 18.15 4.85
C GLY A 174 -2.61 19.28 3.93
N ARG A 175 -1.96 19.40 2.77
CA ARG A 175 -2.33 20.45 1.84
C ARG A 175 -2.58 19.95 0.42
N CYS A 176 -3.23 20.79 -0.37
CA CYS A 176 -3.56 20.46 -1.75
C CYS A 176 -3.30 21.68 -2.64
N GLY A 177 -2.31 21.57 -3.52
CA GLY A 177 -1.97 22.68 -4.38
C GLY A 177 -1.40 23.83 -3.57
N GLY A 178 -0.69 23.50 -2.50
CA GLY A 178 -0.12 24.52 -1.66
C GLY A 178 -0.99 24.94 -0.50
N ARG A 179 -2.30 24.79 -0.66
CA ARG A 179 -3.31 25.16 0.33
C ARG A 179 -3.45 24.17 1.48
N MET A 180 -3.43 24.67 2.72
CA MET A 180 -3.56 23.81 3.90
C MET A 180 -5.05 23.59 4.23
N PHE A 181 -5.46 22.33 4.37
CA PHE A 181 -6.85 22.02 4.70
C PHE A 181 -6.94 21.11 5.94
N ASP A 182 -5.81 20.82 6.56
CA ASP A 182 -5.84 19.97 7.71
C ASP A 182 -4.58 20.12 8.57
N CYS A 183 -4.75 20.41 9.87
CA CYS A 183 -3.62 20.54 10.78
C CYS A 183 -4.11 20.15 12.16
N ARG A 184 -4.04 18.87 12.49
CA ARG A 184 -4.54 18.41 13.77
C ARG A 184 -3.84 17.18 14.32
N ASP A 185 -4.14 16.89 15.58
CA ASP A 185 -3.65 15.70 16.28
C ASP A 185 -4.86 14.79 16.12
N VAL A 186 -4.63 13.52 15.89
CA VAL A 186 -5.75 12.62 15.66
C VAL A 186 -5.47 11.21 16.18
N ALA A 187 -6.47 10.58 16.76
CA ALA A 187 -6.27 9.21 17.16
C ALA A 187 -7.22 8.41 16.26
N PHE A 188 -6.75 7.31 15.67
CA PHE A 188 -7.62 6.53 14.81
C PHE A 188 -7.10 5.13 14.55
N THR A 189 -7.88 4.38 13.78
CA THR A 189 -7.58 2.99 13.44
C THR A 189 -7.00 2.83 12.03
N VAL A 190 -5.84 2.20 11.94
CA VAL A 190 -5.19 1.99 10.67
C VAL A 190 -6.09 1.14 9.79
N GLY A 191 -6.44 1.67 8.63
CA GLY A 191 -7.31 0.95 7.72
C GLY A 191 -8.68 1.59 7.72
N GLU A 192 -8.96 2.39 8.75
CA GLU A 192 -10.26 3.03 8.85
C GLU A 192 -10.16 4.55 8.99
N GLY A 193 -9.03 5.13 8.61
CA GLY A 193 -8.90 6.56 8.70
C GLY A 193 -10.03 7.32 8.03
N GLU A 194 -10.76 6.65 7.14
CA GLU A 194 -11.90 7.29 6.46
C GLU A 194 -12.88 7.85 7.49
N ASP A 195 -12.98 7.16 8.64
CA ASP A 195 -13.86 7.59 9.70
C ASP A 195 -13.48 8.96 10.24
N HIS A 196 -12.21 9.34 10.03
CA HIS A 196 -11.71 10.64 10.50
C HIS A 196 -11.26 11.62 9.41
N ASP A 197 -11.72 11.39 8.19
CA ASP A 197 -11.36 12.28 7.09
C ASP A 197 -9.87 12.21 6.75
N ILE A 198 -9.34 11.00 6.68
CA ILE A 198 -7.95 10.79 6.36
C ILE A 198 -7.94 9.89 5.15
N PRO A 199 -7.17 10.23 4.11
CA PRO A 199 -7.12 9.39 2.90
C PRO A 199 -6.34 8.11 3.11
N ILE A 200 -6.72 7.04 2.40
CA ILE A 200 -6.08 5.73 2.55
C ILE A 200 -4.54 5.74 2.49
N GLY A 201 -3.94 6.71 1.81
CA GLY A 201 -2.50 6.77 1.72
C GLY A 201 -1.81 6.87 3.09
N ILE A 202 -2.41 7.64 4.00
CA ILE A 202 -1.81 7.78 5.33
C ILE A 202 -1.83 6.45 6.08
N ASP A 203 -2.90 5.67 5.94
CA ASP A 203 -2.97 4.41 6.67
C ASP A 203 -1.90 3.49 6.14
N LYS A 204 -1.78 3.45 4.82
CA LYS A 204 -0.79 2.61 4.16
C LYS A 204 0.66 3.02 4.55
N ALA A 205 0.97 4.33 4.53
CA ALA A 205 2.31 4.81 4.90
C ALA A 205 2.67 4.46 6.35
N LEU A 206 1.70 4.64 7.23
CA LEU A 206 1.84 4.37 8.64
C LEU A 206 2.35 2.96 8.88
N GLU A 207 1.98 2.01 8.05
CA GLU A 207 2.43 0.64 8.29
C GLU A 207 3.94 0.50 8.10
N LYS A 208 4.57 1.56 7.58
CA LYS A 208 6.01 1.54 7.36
C LYS A 208 6.74 2.64 8.14
N MET A 209 6.11 3.12 9.20
CA MET A 209 6.72 4.16 10.00
C MET A 209 6.97 3.64 11.43
N GLN A 210 7.79 4.37 12.18
CA GLN A 210 8.14 4.01 13.57
C GLN A 210 7.66 5.08 14.54
N ARG A 211 7.65 4.74 15.83
CA ARG A 211 7.27 5.69 16.87
C ARG A 211 8.22 6.86 16.79
N GLU A 212 7.66 8.06 16.89
CA GLU A 212 8.42 9.32 16.86
C GLU A 212 8.94 9.75 15.50
N GLU A 213 8.60 9.02 14.44
CA GLU A 213 9.04 9.36 13.09
C GLU A 213 8.22 10.50 12.52
N GLN A 214 8.86 11.38 11.75
CA GLN A 214 8.16 12.49 11.11
C GLN A 214 8.58 12.49 9.64
N CYS A 215 7.61 12.53 8.74
CA CYS A 215 7.94 12.52 7.34
C CYS A 215 6.96 13.28 6.55
N ILE A 216 7.30 13.51 5.29
CA ILE A 216 6.41 14.19 4.39
C ILE A 216 5.96 13.09 3.47
N LEU A 217 4.67 13.03 3.16
CA LEU A 217 4.18 12.01 2.23
C LEU A 217 3.46 12.67 1.06
N TYR A 218 3.88 12.34 -0.16
CA TYR A 218 3.24 12.85 -1.37
C TYR A 218 2.30 11.73 -1.82
N LEU A 219 1.02 12.03 -1.89
CA LEU A 219 0.03 11.05 -2.28
C LEU A 219 -0.50 11.30 -3.67
N GLY A 220 -0.36 10.32 -4.55
CA GLY A 220 -0.86 10.49 -5.91
C GLY A 220 -2.36 10.27 -5.85
N PRO A 221 -3.09 10.57 -6.93
CA PRO A 221 -4.56 10.42 -7.01
C PRO A 221 -5.14 9.12 -6.42
N ARG A 222 -4.51 7.99 -6.74
CA ARG A 222 -4.92 6.66 -6.29
C ARG A 222 -4.82 6.41 -4.79
N TYR A 223 -4.24 7.35 -4.05
CA TYR A 223 -4.10 7.18 -2.62
C TYR A 223 -4.64 8.36 -1.84
N GLY A 224 -5.17 9.35 -2.55
CA GLY A 224 -5.71 10.52 -1.90
C GLY A 224 -7.21 10.26 -1.75
N PHE A 225 -8.03 11.28 -1.97
CA PHE A 225 -9.46 11.06 -1.82
C PHE A 225 -10.14 10.45 -3.02
N GLY A 226 -9.43 10.34 -4.12
CA GLY A 226 -9.99 9.70 -5.30
C GLY A 226 -10.90 10.44 -6.27
N GLU A 227 -11.86 9.71 -6.82
CA GLU A 227 -12.80 10.27 -7.81
C GLU A 227 -13.77 11.23 -7.17
N ALA A 228 -14.25 10.86 -5.99
CA ALA A 228 -15.23 11.66 -5.28
C ALA A 228 -14.72 13.02 -4.84
N GLY A 229 -13.42 13.11 -4.61
CA GLY A 229 -12.87 14.37 -4.15
C GLY A 229 -13.20 14.41 -2.66
N LYS A 230 -13.09 15.57 -2.05
CA LYS A 230 -13.45 15.71 -0.65
C LYS A 230 -13.96 17.14 -0.49
N PRO A 231 -15.28 17.30 -0.69
CA PRO A 231 -15.94 18.60 -0.59
C PRO A 231 -15.62 19.40 0.69
N LYS A 232 -15.81 18.80 1.86
CA LYS A 232 -15.55 19.51 3.11
C LYS A 232 -14.17 20.14 3.16
N PHE A 233 -13.28 19.67 2.31
CA PHE A 233 -11.95 20.25 2.26
C PHE A 233 -11.70 21.05 1.01
N GLY A 234 -12.68 21.13 0.11
CA GLY A 234 -12.49 21.91 -1.11
C GLY A 234 -11.42 21.22 -1.95
N ILE A 235 -11.49 19.89 -1.97
CA ILE A 235 -10.54 19.10 -2.72
C ILE A 235 -11.22 18.43 -3.92
N GLU A 236 -10.80 18.83 -5.11
CA GLU A 236 -11.35 18.35 -6.35
C GLU A 236 -10.99 16.90 -6.64
N PRO A 237 -11.74 16.25 -7.53
CA PRO A 237 -11.49 14.85 -7.89
C PRO A 237 -10.01 14.57 -8.22
N ASN A 238 -9.57 13.37 -7.86
CA ASN A 238 -8.21 12.88 -8.09
C ASN A 238 -7.00 13.82 -7.90
N ALA A 239 -7.09 14.68 -6.89
CA ALA A 239 -6.03 15.63 -6.59
C ALA A 239 -4.85 15.05 -5.84
N GLU A 240 -3.69 15.55 -6.19
CA GLU A 240 -2.44 15.15 -5.55
C GLU A 240 -2.36 15.85 -4.20
N LEU A 241 -2.02 15.10 -3.17
CA LEU A 241 -1.95 15.68 -1.85
C LEU A 241 -0.59 15.56 -1.21
N ILE A 242 -0.32 16.46 -0.29
CA ILE A 242 0.94 16.43 0.44
C ILE A 242 0.63 16.53 1.93
N TYR A 243 1.16 15.58 2.70
CA TYR A 243 0.94 15.56 4.15
C TYR A 243 2.26 15.46 4.88
N GLU A 244 2.23 15.98 6.10
CA GLU A 244 3.38 15.93 7.01
C GLU A 244 2.80 15.12 8.16
N VAL A 245 3.42 14.01 8.49
CA VAL A 245 2.89 13.14 9.53
C VAL A 245 3.90 12.75 10.61
N THR A 246 3.45 12.78 11.86
CA THR A 246 4.29 12.41 12.98
C THR A 246 3.55 11.30 13.74
N LEU A 247 4.16 10.14 13.85
CA LEU A 247 3.54 9.02 14.57
C LEU A 247 3.94 9.19 16.06
N LYS A 248 2.97 9.52 16.90
CA LYS A 248 3.25 9.76 18.31
C LYS A 248 3.26 8.49 19.13
N SER A 249 2.30 7.61 18.86
CA SER A 249 2.23 6.36 19.58
C SER A 249 1.29 5.45 18.83
N PHE A 250 1.28 4.17 19.18
CA PHE A 250 0.38 3.24 18.52
C PHE A 250 0.35 1.91 19.21
N GLU A 251 -0.79 1.26 19.19
CA GLU A 251 -0.94 -0.04 19.79
C GLU A 251 -1.36 -0.95 18.67
N LYS A 252 -0.63 -2.04 18.49
CA LYS A 252 -0.95 -2.96 17.41
C LYS A 252 -2.18 -3.76 17.68
N ALA A 253 -2.86 -4.15 16.61
CA ALA A 253 -4.03 -5.00 16.71
C ALA A 253 -3.43 -6.39 16.88
N LYS A 254 -4.20 -7.34 17.39
CA LYS A 254 -3.66 -8.69 17.51
C LYS A 254 -3.57 -9.34 16.13
N GLU A 255 -2.48 -10.07 15.87
CA GLU A 255 -2.36 -10.79 14.60
C GLU A 255 -3.43 -11.89 14.65
N SER A 256 -3.78 -12.47 13.51
CA SER A 256 -4.80 -13.49 13.53
C SER A 256 -4.49 -14.59 14.57
N TRP A 257 -3.35 -15.25 14.41
CA TRP A 257 -2.98 -16.33 15.31
C TRP A 257 -2.99 -16.00 16.79
N GLU A 258 -3.20 -14.74 17.13
CA GLU A 258 -3.20 -14.36 18.54
C GLU A 258 -4.59 -14.22 19.15
N MET A 259 -5.62 -14.46 18.36
CA MET A 259 -6.97 -14.35 18.86
C MET A 259 -7.55 -15.75 18.99
N ASP A 260 -8.28 -16.04 20.04
CA ASP A 260 -8.86 -17.38 20.14
C ASP A 260 -10.13 -17.40 19.30
N THR A 261 -10.63 -18.60 19.00
CA THR A 261 -11.83 -18.76 18.20
C THR A 261 -12.98 -17.86 18.61
N LYS A 262 -13.26 -17.83 19.91
CA LYS A 262 -14.35 -17.04 20.45
C LYS A 262 -14.23 -15.59 20.03
N GLU A 263 -13.06 -15.03 20.24
CA GLU A 263 -12.81 -13.65 19.88
C GLU A 263 -12.94 -13.49 18.35
N LYS A 264 -12.35 -14.39 17.58
CA LYS A 264 -12.44 -14.25 16.14
C LYS A 264 -13.89 -14.16 15.69
N LEU A 265 -14.79 -14.94 16.31
CA LEU A 265 -16.22 -14.93 15.96
C LEU A 265 -16.97 -13.69 16.46
N GLU A 266 -16.56 -13.14 17.58
CA GLU A 266 -17.26 -11.95 18.01
C GLU A 266 -16.88 -10.83 17.03
N GLN A 267 -15.58 -10.62 16.82
CA GLN A 267 -15.08 -9.58 15.92
C GLN A 267 -15.56 -9.76 14.47
N ALA A 268 -15.72 -11.00 14.02
CA ALA A 268 -16.19 -11.19 12.65
C ALA A 268 -17.57 -10.52 12.48
N ALA A 269 -18.44 -10.70 13.47
CA ALA A 269 -19.78 -10.13 13.43
C ALA A 269 -19.69 -8.61 13.40
N ILE A 270 -18.80 -8.06 14.23
CA ILE A 270 -18.61 -6.63 14.28
C ILE A 270 -18.13 -6.04 12.96
N VAL A 271 -17.15 -6.68 12.31
CA VAL A 271 -16.60 -6.16 11.06
C VAL A 271 -17.38 -6.50 9.78
N LYS A 272 -18.24 -7.51 9.85
CA LYS A 272 -19.05 -7.84 8.68
C LYS A 272 -20.00 -6.64 8.58
N GLU A 273 -20.48 -6.23 9.74
CA GLU A 273 -21.38 -5.11 9.82
C GLU A 273 -20.70 -3.83 9.37
N LYS A 274 -19.50 -3.58 9.90
CA LYS A 274 -18.77 -2.36 9.57
C LYS A 274 -18.42 -2.36 8.08
N GLY A 275 -18.11 -3.54 7.55
CA GLY A 275 -17.85 -3.62 6.12
C GLY A 275 -19.09 -3.17 5.36
N THR A 276 -20.23 -3.78 5.66
CA THR A 276 -21.48 -3.45 5.00
C THR A 276 -21.83 -1.96 5.07
N VAL A 277 -21.63 -1.33 6.22
CA VAL A 277 -21.94 0.09 6.30
C VAL A 277 -21.09 0.79 5.25
N TYR A 278 -19.79 0.52 5.24
CA TYR A 278 -18.91 1.12 4.25
C TYR A 278 -19.44 0.82 2.85
N PHE A 279 -19.74 -0.45 2.60
CA PHE A 279 -20.25 -0.85 1.30
C PHE A 279 -21.43 0.02 0.82
N LYS A 280 -22.38 0.25 1.70
CA LYS A 280 -23.52 1.05 1.31
C LYS A 280 -23.07 2.47 0.99
N GLY A 281 -22.14 2.99 1.77
CA GLY A 281 -21.68 4.35 1.54
C GLY A 281 -20.81 4.51 0.32
N GLY A 282 -20.61 3.42 -0.44
CA GLY A 282 -19.77 3.48 -1.61
C GLY A 282 -18.27 3.56 -1.33
N LYS A 283 -17.88 3.24 -0.12
CA LYS A 283 -16.47 3.26 0.24
C LYS A 283 -15.98 1.80 0.14
N TYR A 284 -15.99 1.24 -1.07
CA TYR A 284 -15.60 -0.15 -1.29
C TYR A 284 -14.23 -0.56 -0.76
N MET A 285 -13.23 0.29 -0.93
CA MET A 285 -11.86 0.02 -0.45
C MET A 285 -11.91 -0.28 1.06
N GLN A 286 -12.64 0.55 1.80
CA GLN A 286 -12.76 0.34 3.23
C GLN A 286 -13.49 -0.95 3.53
N ALA A 287 -14.48 -1.31 2.71
CA ALA A 287 -15.25 -2.52 2.88
C ALA A 287 -14.35 -3.74 2.69
N VAL A 288 -13.61 -3.75 1.60
CA VAL A 288 -12.69 -4.83 1.31
C VAL A 288 -11.82 -5.07 2.56
N ILE A 289 -11.27 -3.99 3.12
CA ILE A 289 -10.44 -4.13 4.32
C ILE A 289 -11.21 -4.78 5.46
N GLN A 290 -12.42 -4.32 5.72
CA GLN A 290 -13.20 -4.92 6.81
C GLN A 290 -13.55 -6.41 6.56
N TYR A 291 -14.02 -6.76 5.36
CA TYR A 291 -14.40 -8.13 5.10
C TYR A 291 -13.17 -9.05 5.09
N GLY A 292 -12.06 -8.53 4.59
CA GLY A 292 -10.84 -9.32 4.53
C GLY A 292 -10.37 -9.86 5.88
N LYS A 293 -10.64 -9.15 6.99
CA LYS A 293 -10.25 -9.65 8.31
C LYS A 293 -10.92 -10.99 8.54
N ILE A 294 -12.20 -11.08 8.14
CA ILE A 294 -12.94 -12.32 8.30
C ILE A 294 -12.26 -13.42 7.53
N VAL A 295 -11.90 -13.19 6.26
CA VAL A 295 -11.23 -14.26 5.51
C VAL A 295 -9.93 -14.58 6.23
N SER A 296 -9.27 -13.53 6.68
CA SER A 296 -8.00 -13.67 7.37
C SER A 296 -8.10 -14.44 8.71
N TRP A 297 -9.05 -14.09 9.57
CA TRP A 297 -9.21 -14.74 10.87
C TRP A 297 -9.83 -16.12 10.86
N LEU A 298 -10.43 -16.55 9.74
CA LEU A 298 -11.07 -17.86 9.79
C LEU A 298 -10.73 -18.84 8.67
N GLU A 299 -10.36 -18.34 7.51
CA GLU A 299 -10.09 -19.25 6.40
C GLU A 299 -9.27 -20.50 6.71
N MET A 300 -8.39 -20.46 7.70
CA MET A 300 -7.55 -21.62 7.99
C MET A 300 -7.83 -22.37 9.29
N GLU A 301 -8.78 -21.89 10.07
CA GLU A 301 -9.12 -22.52 11.35
C GLU A 301 -9.57 -23.98 11.21
N TYR A 302 -9.41 -24.76 12.28
CA TYR A 302 -9.85 -26.17 12.31
C TYR A 302 -9.76 -26.73 13.72
N GLY A 303 -10.45 -27.84 13.97
CA GLY A 303 -10.45 -28.40 15.31
C GLY A 303 -11.56 -27.69 16.07
N LEU A 304 -12.36 -26.96 15.31
CA LEU A 304 -13.47 -26.20 15.86
C LEU A 304 -14.63 -27.13 16.21
N SER A 305 -15.53 -26.66 17.08
CA SER A 305 -16.68 -27.46 17.47
C SER A 305 -17.74 -27.30 16.38
N GLU A 306 -18.63 -28.27 16.25
CA GLU A 306 -19.67 -28.19 15.24
C GLU A 306 -20.40 -26.83 15.26
N LYS A 307 -20.61 -26.29 16.45
CA LYS A 307 -21.30 -25.01 16.59
C LYS A 307 -20.47 -23.84 16.06
N GLU A 308 -19.16 -23.89 16.27
CA GLU A 308 -18.25 -22.83 15.80
C GLU A 308 -17.93 -23.03 14.32
N SER A 309 -17.78 -24.29 13.95
CA SER A 309 -17.47 -24.65 12.59
C SER A 309 -18.56 -24.12 11.65
N LYS A 310 -19.82 -24.24 12.06
CA LYS A 310 -20.90 -23.74 11.22
C LYS A 310 -20.86 -22.22 11.16
N ALA A 311 -20.65 -21.61 12.32
CA ALA A 311 -20.61 -20.17 12.38
C ALA A 311 -19.41 -19.68 11.60
N SER A 312 -18.29 -20.41 11.73
CA SER A 312 -17.09 -20.01 11.02
C SER A 312 -17.36 -20.03 9.51
N GLU A 313 -17.86 -21.16 9.03
CA GLU A 313 -18.19 -21.35 7.62
C GLU A 313 -19.15 -20.26 7.13
N SER A 314 -20.23 -20.06 7.88
CA SER A 314 -21.21 -19.07 7.49
C SER A 314 -20.53 -17.72 7.23
N PHE A 315 -19.72 -17.27 8.19
CA PHE A 315 -18.98 -16.02 8.07
C PHE A 315 -18.11 -15.96 6.81
N LEU A 316 -17.28 -16.98 6.60
CA LEU A 316 -16.41 -17.02 5.43
C LEU A 316 -17.21 -16.85 4.15
N LEU A 317 -18.06 -17.83 3.86
CA LEU A 317 -18.88 -17.78 2.65
C LEU A 317 -19.42 -16.37 2.38
N ALA A 318 -19.94 -15.70 3.42
CA ALA A 318 -20.44 -14.35 3.20
C ALA A 318 -19.30 -13.37 2.95
N ALA A 319 -18.22 -13.46 3.72
CA ALA A 319 -17.13 -12.51 3.49
C ALA A 319 -16.62 -12.71 2.07
N PHE A 320 -16.66 -13.94 1.57
CA PHE A 320 -16.21 -14.17 0.21
C PHE A 320 -17.18 -13.63 -0.84
N LEU A 321 -18.46 -13.62 -0.54
CA LEU A 321 -19.42 -13.14 -1.53
C LEU A 321 -19.49 -11.62 -1.54
N ASN A 322 -19.21 -11.03 -0.39
CA ASN A 322 -19.21 -9.58 -0.25
C ASN A 322 -18.00 -8.96 -0.95
N LEU A 323 -16.84 -9.62 -0.83
CA LEU A 323 -15.60 -9.14 -1.45
C LEU A 323 -15.76 -9.17 -2.96
N ALA A 324 -16.31 -10.26 -3.45
CA ALA A 324 -16.54 -10.44 -4.88
C ALA A 324 -17.37 -9.29 -5.39
N MET A 325 -18.34 -8.87 -4.58
CA MET A 325 -19.18 -7.76 -4.98
C MET A 325 -18.36 -6.47 -4.91
N CYS A 326 -17.56 -6.35 -3.84
CA CYS A 326 -16.71 -5.20 -3.62
C CYS A 326 -15.73 -5.05 -4.78
N TYR A 327 -14.99 -6.11 -5.06
CA TYR A 327 -14.02 -6.09 -6.15
C TYR A 327 -14.71 -5.84 -7.49
N LEU A 328 -16.00 -6.15 -7.60
CA LEU A 328 -16.71 -5.87 -8.84
C LEU A 328 -16.85 -4.37 -8.97
N LYS A 329 -17.17 -3.73 -7.87
CA LYS A 329 -17.32 -2.30 -7.94
C LYS A 329 -15.98 -1.70 -8.27
N LEU A 330 -14.92 -2.22 -7.66
CA LEU A 330 -13.56 -1.72 -7.89
C LEU A 330 -12.98 -2.12 -9.24
N ARG A 331 -13.81 -2.72 -10.09
CA ARG A 331 -13.41 -3.16 -11.41
C ARG A 331 -12.14 -3.99 -11.35
N GLU A 332 -11.95 -4.70 -10.24
CA GLU A 332 -10.79 -5.55 -10.10
C GLU A 332 -11.24 -6.99 -10.27
N TYR A 333 -11.54 -7.37 -11.52
CA TYR A 333 -12.08 -8.69 -11.90
C TYR A 333 -11.37 -9.97 -11.44
N THR A 334 -10.05 -10.05 -11.62
CA THR A 334 -9.32 -11.23 -11.18
C THR A 334 -9.57 -11.51 -9.68
N LYS A 335 -9.65 -10.47 -8.88
CA LYS A 335 -9.92 -10.62 -7.46
C LYS A 335 -11.32 -11.19 -7.29
N ALA A 336 -12.25 -10.68 -8.09
CA ALA A 336 -13.62 -11.16 -8.00
C ALA A 336 -13.61 -12.67 -8.21
N VAL A 337 -13.15 -13.10 -9.38
CA VAL A 337 -13.10 -14.52 -9.67
C VAL A 337 -12.44 -15.33 -8.56
N GLU A 338 -11.42 -14.76 -7.92
CA GLU A 338 -10.76 -15.49 -6.85
C GLU A 338 -11.70 -15.63 -5.67
N CYS A 339 -12.31 -14.53 -5.26
CA CYS A 339 -13.22 -14.60 -4.15
C CYS A 339 -14.42 -15.52 -4.44
N CYS A 340 -14.89 -15.53 -5.69
CA CYS A 340 -16.00 -16.40 -6.06
C CYS A 340 -15.51 -17.84 -5.95
N ASP A 341 -14.33 -18.11 -6.51
CA ASP A 341 -13.72 -19.43 -6.43
C ASP A 341 -13.76 -19.99 -5.01
N LYS A 342 -13.31 -19.19 -4.04
CA LYS A 342 -13.33 -19.62 -2.65
C LYS A 342 -14.79 -19.91 -2.29
N ALA A 343 -15.63 -18.90 -2.48
CA ALA A 343 -17.04 -19.07 -2.17
C ALA A 343 -17.48 -20.44 -2.65
N LEU A 344 -17.25 -20.71 -3.94
CA LEU A 344 -17.64 -21.97 -4.53
C LEU A 344 -17.03 -23.18 -3.83
N GLY A 345 -15.76 -23.10 -3.48
CA GLY A 345 -15.09 -24.20 -2.82
C GLY A 345 -15.79 -24.56 -1.51
N LEU A 346 -16.56 -23.64 -0.98
CA LEU A 346 -17.28 -23.90 0.24
C LEU A 346 -18.62 -24.45 -0.16
N ASP A 347 -19.38 -23.63 -0.88
CA ASP A 347 -20.72 -23.97 -1.36
C ASP A 347 -20.75 -24.07 -2.89
N SER A 348 -20.20 -25.17 -3.41
CA SER A 348 -20.14 -25.41 -4.85
C SER A 348 -21.41 -25.09 -5.65
N ALA A 349 -22.56 -25.03 -5.00
CA ALA A 349 -23.79 -24.72 -5.73
C ALA A 349 -24.35 -23.37 -5.33
N ASN A 350 -23.47 -22.43 -5.05
CA ASN A 350 -23.89 -21.09 -4.63
C ASN A 350 -24.35 -20.22 -5.81
N GLU A 351 -25.58 -19.73 -5.73
CA GLU A 351 -26.14 -18.92 -6.82
C GLU A 351 -25.37 -17.61 -7.02
N LYS A 352 -25.32 -16.78 -5.97
CA LYS A 352 -24.59 -15.51 -6.03
C LYS A 352 -23.18 -15.80 -6.52
N GLY A 353 -22.56 -16.79 -5.89
CA GLY A 353 -21.21 -17.16 -6.27
C GLY A 353 -21.07 -17.27 -7.77
N LEU A 354 -21.76 -18.24 -8.37
CA LEU A 354 -21.69 -18.46 -9.82
C LEU A 354 -22.06 -17.22 -10.65
N TYR A 355 -23.12 -16.52 -10.29
CA TYR A 355 -23.47 -15.34 -11.06
C TYR A 355 -22.27 -14.41 -11.09
N ARG A 356 -21.79 -14.06 -9.91
CA ARG A 356 -20.66 -13.16 -9.75
C ARG A 356 -19.41 -13.60 -10.51
N ARG A 357 -19.11 -14.88 -10.44
CA ARG A 357 -17.94 -15.37 -11.13
C ARG A 357 -18.16 -15.03 -12.60
N GLY A 358 -19.43 -15.08 -13.00
CA GLY A 358 -19.84 -14.82 -14.37
C GLY A 358 -19.67 -13.39 -14.82
N GLU A 359 -20.31 -12.47 -14.11
CA GLU A 359 -20.20 -11.06 -14.48
C GLU A 359 -18.73 -10.72 -14.68
N ALA A 360 -17.88 -11.17 -13.75
CA ALA A 360 -16.46 -10.87 -13.80
C ALA A 360 -15.74 -11.50 -14.97
N GLN A 361 -15.97 -12.78 -15.21
CA GLN A 361 -15.28 -13.44 -16.29
C GLN A 361 -15.68 -12.84 -17.63
N LEU A 362 -16.91 -12.37 -17.71
CA LEU A 362 -17.34 -11.76 -18.96
C LEU A 362 -16.49 -10.51 -19.12
N LEU A 363 -16.47 -9.68 -18.10
CA LEU A 363 -15.71 -8.44 -18.11
C LEU A 363 -14.22 -8.62 -18.41
N MET A 364 -13.74 -9.86 -18.34
CA MET A 364 -12.35 -10.09 -18.67
C MET A 364 -12.22 -10.77 -20.04
N ASN A 365 -13.30 -10.75 -20.81
CA ASN A 365 -13.32 -11.37 -22.12
C ASN A 365 -13.15 -12.87 -22.03
N GLU A 366 -13.49 -13.43 -20.88
CA GLU A 366 -13.41 -14.87 -20.76
C GLU A 366 -14.83 -15.47 -21.00
N PHE A 367 -15.33 -15.24 -22.21
CA PHE A 367 -16.65 -15.66 -22.67
C PHE A 367 -17.07 -17.11 -22.41
N GLU A 368 -16.18 -18.04 -22.74
CA GLU A 368 -16.48 -19.45 -22.52
C GLU A 368 -16.83 -19.63 -21.04
N SER A 369 -15.79 -19.56 -20.22
CA SER A 369 -15.86 -19.70 -18.77
C SER A 369 -17.06 -18.97 -18.22
N ALA A 370 -17.34 -17.80 -18.79
CA ALA A 370 -18.46 -17.02 -18.31
C ALA A 370 -19.77 -17.70 -18.69
N LYS A 371 -19.86 -18.17 -19.93
CA LYS A 371 -21.07 -18.85 -20.39
C LYS A 371 -21.49 -19.91 -19.39
N GLY A 372 -20.55 -20.74 -19.00
CA GLY A 372 -20.85 -21.78 -18.05
C GLY A 372 -21.35 -21.27 -16.71
N ASP A 373 -20.63 -20.33 -16.11
CA ASP A 373 -21.03 -19.82 -14.81
C ASP A 373 -22.51 -19.45 -14.77
N PHE A 374 -22.98 -18.77 -15.81
CA PHE A 374 -24.38 -18.39 -15.84
C PHE A 374 -25.24 -19.61 -16.06
N GLU A 375 -24.75 -20.54 -16.89
CA GLU A 375 -25.50 -21.74 -17.14
C GLU A 375 -25.70 -22.44 -15.82
N LYS A 376 -24.60 -22.69 -15.12
CA LYS A 376 -24.69 -23.36 -13.82
C LYS A 376 -25.62 -22.57 -12.92
N VAL A 377 -25.69 -21.26 -13.14
CA VAL A 377 -26.59 -20.45 -12.34
C VAL A 377 -28.02 -20.89 -12.66
N LEU A 378 -28.29 -21.12 -13.95
CA LEU A 378 -29.62 -21.55 -14.39
C LEU A 378 -29.96 -22.95 -13.89
N GLU A 379 -28.97 -23.83 -13.90
CA GLU A 379 -29.15 -25.19 -13.43
C GLU A 379 -29.35 -25.17 -11.92
N VAL A 380 -29.89 -24.08 -11.39
CA VAL A 380 -30.08 -24.00 -9.95
C VAL A 380 -31.24 -23.13 -9.52
N ASN A 381 -31.41 -21.98 -10.15
CA ASN A 381 -32.49 -21.11 -9.75
C ASN A 381 -32.53 -19.79 -10.46
N ALA A 386 -31.54 -12.89 -14.34
CA ALA A 386 -30.77 -12.11 -15.30
C ALA A 386 -29.79 -12.99 -16.06
N ALA A 387 -29.60 -14.21 -15.55
CA ALA A 387 -28.68 -15.16 -16.15
C ALA A 387 -28.77 -15.26 -17.68
N ARG A 388 -29.93 -15.64 -18.21
CA ARG A 388 -30.11 -15.80 -19.67
C ARG A 388 -29.76 -14.56 -20.50
N LEU A 389 -30.28 -13.40 -20.12
CA LEU A 389 -29.92 -12.23 -20.89
C LEU A 389 -28.38 -12.20 -20.94
N GLN A 390 -27.73 -12.41 -19.79
CA GLN A 390 -26.26 -12.40 -19.77
C GLN A 390 -25.66 -13.48 -20.66
N ILE A 391 -26.34 -14.62 -20.72
CA ILE A 391 -25.88 -15.74 -21.52
C ILE A 391 -25.79 -15.36 -22.99
N SER A 392 -26.80 -14.64 -23.48
CA SER A 392 -26.80 -14.22 -24.86
C SER A 392 -25.69 -13.18 -25.03
N MET A 393 -25.46 -12.42 -23.98
CA MET A 393 -24.43 -11.39 -23.99
C MET A 393 -23.04 -11.93 -24.28
N CYS A 394 -22.71 -13.04 -23.65
CA CYS A 394 -21.40 -13.64 -23.84
C CYS A 394 -21.19 -13.90 -25.30
N GLN A 395 -22.08 -14.69 -25.89
CA GLN A 395 -22.01 -15.04 -27.31
C GLN A 395 -21.84 -13.80 -28.20
N LYS A 396 -22.67 -12.79 -27.96
CA LYS A 396 -22.63 -11.54 -28.73
C LYS A 396 -21.26 -10.91 -28.64
N LYS A 397 -20.76 -10.77 -27.41
CA LYS A 397 -19.46 -10.16 -27.16
C LYS A 397 -18.28 -11.02 -27.62
N ALA A 398 -18.44 -12.33 -27.63
CA ALA A 398 -17.39 -13.22 -28.08
C ALA A 398 -17.20 -13.05 -29.60
N LYS A 399 -18.33 -12.93 -30.31
CA LYS A 399 -18.27 -12.78 -31.74
C LYS A 399 -17.52 -11.48 -32.04
N GLU A 400 -18.00 -10.40 -31.44
CA GLU A 400 -17.40 -9.08 -31.61
C GLU A 400 -15.91 -9.14 -31.31
N HIS A 401 -15.55 -9.85 -30.25
CA HIS A 401 -14.17 -9.94 -29.86
C HIS A 401 -13.24 -10.56 -30.89
N ASN A 402 -13.71 -11.58 -31.61
CA ASN A 402 -12.84 -12.23 -32.60
C ASN A 402 -12.78 -11.44 -33.92
N GLU A 403 -13.86 -10.74 -34.23
CA GLU A 403 -13.80 -9.94 -35.44
C GLU A 403 -12.64 -9.00 -35.13
N ARG A 404 -12.75 -8.30 -34.00
CA ARG A 404 -11.72 -7.36 -33.56
C ARG A 404 -10.32 -7.98 -33.55
N ASP A 405 -10.21 -9.20 -33.02
CA ASP A 405 -8.91 -9.86 -33.01
C ASP A 405 -8.38 -10.09 -34.43
N ARG A 406 -9.26 -10.49 -35.34
CA ARG A 406 -8.85 -10.74 -36.72
C ARG A 406 -8.50 -9.46 -37.45
N ARG A 407 -9.27 -8.40 -37.19
CA ARG A 407 -9.02 -7.13 -37.83
C ARG A 407 -7.59 -6.63 -37.49
N ILE A 408 -7.28 -6.55 -36.18
CA ILE A 408 -5.93 -6.11 -35.75
C ILE A 408 -4.80 -6.94 -36.37
N TYR A 409 -4.77 -8.23 -36.09
CA TYR A 409 -3.74 -9.12 -36.63
C TYR A 409 -3.52 -8.80 -38.11
N ALA A 410 -4.61 -8.61 -38.84
CA ALA A 410 -4.54 -8.29 -40.25
C ALA A 410 -3.89 -6.93 -40.41
N ASN A 411 -4.39 -5.94 -39.67
CA ASN A 411 -3.81 -4.63 -39.77
C ASN A 411 -2.33 -4.65 -39.33
N MET A 412 -2.01 -5.42 -38.30
CA MET A 412 -0.61 -5.48 -37.85
C MET A 412 0.26 -6.19 -38.88
S SO4 B . -9.53 -1.31 -41.02
O1 SO4 B . -9.54 -2.37 -39.99
O2 SO4 B . -10.52 -0.30 -40.65
O3 SO4 B . -9.89 -1.90 -42.34
O4 SO4 B . -8.17 -0.72 -41.09
S SO4 C . -11.16 14.15 14.53
O1 SO4 C . -11.79 15.47 14.34
O2 SO4 C . -11.69 13.19 13.53
O3 SO4 C . -11.46 13.67 15.88
O4 SO4 C . -9.71 14.28 14.41
S SO4 D . -17.25 15.23 2.26
O1 SO4 D . -16.35 16.35 1.97
O2 SO4 D . -17.00 14.12 1.32
O3 SO4 D . -18.65 15.67 2.11
O4 SO4 D . -17.04 14.80 3.66
#